data_2OLR
#
_entry.id   2OLR
#
_cell.length_a   124.854
_cell.length_b   95.564
_cell.length_c   46.476
_cell.angle_alpha   90.00
_cell.angle_beta   96.30
_cell.angle_gamma   90.00
#
_symmetry.space_group_name_H-M   'C 1 2 1'
#
loop_
_entity.id
_entity.type
_entity.pdbx_description
1 polymer 'Phosphoenolpyruvate carboxykinase'
2 non-polymer 'MAGNESIUM ION'
3 non-polymer 'CHLORIDE ION'
4 non-polymer 'CARBON DIOXIDE'
5 non-polymer "ADENOSINE-5'-TRIPHOSPHATE"
6 water water
#
_entity_poly.entity_id   1
_entity_poly.type   'polypeptide(L)'
_entity_poly.pdbx_seq_one_letter_code
;MRVNNGLTPQELEAYGISDVHDIVYNPSYDLLYQEELDPSLTGYERGVLTNLGAVAVDTGIFTGRSPKDKYIVRDDTTRD
TFWWADKGKGKNDNKPLSPETWQHLKGLVTRQLSGKRLFVVDAFCGANPDTRLSVRFITEVAWQAHFVKNMFIRPSDEEL
AGFKPDFIVMNGAKCTNPQWKEQGLNSENFVAFNLTERMQLIGGTWYGGEMKKGMFSMMNYLLPLKGIASMHCSANVGEK
GDVAVFFGLSGTGKTTLSTDPKRRLIGDDEHGWDDDGVFNFEGGCYAKTIKLSKEAEPEIYNAIRRDALLENVTVREDGT
IDFDDGSKTENTRVSYPIYHIDNIVKPVSKAGHATKVIFLTADAFGVLPPVSRLTADQTQYHFLSGFTAKLAGTERGITE
PTPTFSACFGAAFLSLHPTQYAEVLVKRMQAAGAQAYLVNTGWNGTGKRISIKDTRAIIDAILNGSLDNAETFTLPMFNL
AIPTELPGVDTKILDPRNTYASPEQWQEKAETLAKLFIDNFDKYTDTPAGAALVAAGPKL
;
_entity_poly.pdbx_strand_id   A
#
# COMPACT_ATOMS: atom_id res chain seq x y z
N GLY A 6 1.54 -5.13 30.04
CA GLY A 6 1.67 -6.57 29.69
C GLY A 6 0.31 -7.27 29.69
N LEU A 7 0.32 -8.60 29.68
CA LEU A 7 -0.91 -9.38 29.78
C LEU A 7 -0.65 -10.77 30.36
N THR A 8 -1.67 -11.33 31.00
CA THR A 8 -1.58 -12.60 31.69
C THR A 8 -2.12 -13.75 30.82
N PRO A 9 -1.70 -15.00 31.10
CA PRO A 9 -2.33 -16.14 30.41
C PRO A 9 -3.88 -16.14 30.47
N GLN A 10 -4.44 -15.55 31.53
CA GLN A 10 -5.91 -15.42 31.66
C GLN A 10 -6.48 -14.40 30.67
N GLU A 11 -5.72 -13.33 30.42
CA GLU A 11 -6.09 -12.30 29.45
C GLU A 11 -6.12 -12.87 28.03
N LEU A 12 -5.13 -13.69 27.70
CA LEU A 12 -5.13 -14.41 26.43
C LEU A 12 -6.26 -15.43 26.39
N GLU A 13 -6.55 -16.07 27.55
CA GLU A 13 -7.65 -17.03 27.67
C GLU A 13 -8.98 -16.36 27.33
N ALA A 14 -9.12 -15.09 27.68
CA ALA A 14 -10.30 -14.28 27.37
C ALA A 14 -10.57 -14.17 25.86
N TYR A 15 -9.49 -14.22 25.07
CA TYR A 15 -9.57 -14.21 23.61
C TYR A 15 -9.87 -15.60 23.03
N GLY A 16 -9.80 -16.61 23.88
CA GLY A 16 -9.98 -18.00 23.49
C GLY A 16 -8.69 -18.78 23.29
N ILE A 17 -7.54 -18.19 23.68
CA ILE A 17 -6.24 -18.83 23.48
C ILE A 17 -5.76 -19.43 24.81
N SER A 18 -5.61 -20.74 24.84
CA SER A 18 -5.42 -21.48 26.09
C SER A 18 -4.01 -21.95 26.30
N ASP A 19 -3.66 -22.17 27.57
CA ASP A 19 -2.43 -22.87 27.95
C ASP A 19 -1.18 -22.28 27.31
N VAL A 20 -1.11 -20.95 27.27
CA VAL A 20 0.11 -20.29 26.84
C VAL A 20 1.00 -20.20 28.07
N HIS A 21 2.17 -20.83 27.97
CA HIS A 21 3.12 -20.85 29.07
C HIS A 21 4.19 -19.77 28.92
N ASP A 22 4.64 -19.54 27.69
CA ASP A 22 5.67 -18.54 27.40
C ASP A 22 5.02 -17.40 26.62
N ILE A 23 5.06 -16.21 27.20
CA ILE A 23 4.49 -15.02 26.57
C ILE A 23 5.60 -13.97 26.44
N VAL A 24 5.81 -13.51 25.21
CA VAL A 24 6.77 -12.44 24.95
C VAL A 24 5.99 -11.18 24.61
N TYR A 25 5.80 -10.29 25.60
CA TYR A 25 5.07 -9.05 25.38
C TYR A 25 6.01 -7.92 24.94
N ASN A 26 5.63 -7.20 23.87
CA ASN A 26 6.43 -6.08 23.39
C ASN A 26 7.90 -6.47 23.16
N PRO A 27 8.14 -7.46 22.30
CA PRO A 27 9.52 -7.89 22.07
C PRO A 27 10.37 -6.74 21.59
N SER A 28 11.60 -6.66 22.12
CA SER A 28 12.53 -5.63 21.71
C SER A 28 13.13 -6.00 20.35
N TYR A 29 13.71 -5.01 19.66
CA TYR A 29 14.44 -5.32 18.42
C TYR A 29 15.57 -6.31 18.65
N ASP A 30 16.30 -6.18 19.76
CA ASP A 30 17.35 -7.14 20.08
C ASP A 30 16.85 -8.57 20.22
N LEU A 31 15.72 -8.75 20.91
CA LEU A 31 15.16 -10.08 21.06
CA LEU A 31 15.15 -10.08 21.05
C LEU A 31 14.72 -10.64 19.71
N LEU A 32 14.12 -9.79 18.87
CA LEU A 32 13.63 -10.29 17.58
C LEU A 32 14.79 -10.74 16.70
N TYR A 33 15.89 -10.00 16.76
CA TYR A 33 17.11 -10.37 16.02
C TYR A 33 17.60 -11.75 16.46
N GLN A 34 17.74 -11.96 17.77
CA GLN A 34 18.23 -13.27 18.24
C GLN A 34 17.24 -14.42 17.94
N GLU A 35 15.93 -14.12 18.01
CA GLU A 35 14.89 -15.10 17.70
C GLU A 35 14.97 -15.56 16.24
N GLU A 36 15.12 -14.60 15.33
CA GLU A 36 15.15 -14.90 13.91
C GLU A 36 16.37 -15.72 13.52
N LEU A 37 17.49 -15.49 14.22
CA LEU A 37 18.76 -16.11 13.87
C LEU A 37 19.08 -17.40 14.63
N ASP A 38 18.20 -17.79 15.54
CA ASP A 38 18.31 -19.06 16.26
C ASP A 38 18.60 -20.19 15.25
N PRO A 39 19.79 -20.82 15.36
CA PRO A 39 20.21 -21.78 14.33
C PRO A 39 19.41 -23.08 14.33
N SER A 40 18.55 -23.24 15.33
CA SER A 40 17.74 -24.46 15.44
C SER A 40 16.35 -24.31 14.80
N LEU A 41 16.01 -23.09 14.36
CA LEU A 41 14.73 -22.87 13.68
C LEU A 41 14.58 -23.70 12.41
N THR A 42 13.35 -24.13 12.14
CA THR A 42 13.06 -24.88 10.92
C THR A 42 12.08 -24.11 10.03
N GLY A 43 12.14 -24.39 8.74
CA GLY A 43 11.13 -23.92 7.80
C GLY A 43 11.09 -22.41 7.67
N TYR A 44 9.88 -21.88 7.48
CA TYR A 44 9.75 -20.48 7.10
C TYR A 44 9.97 -19.48 8.25
N GLU A 45 10.11 -19.98 9.48
CA GLU A 45 10.47 -19.07 10.59
C GLU A 45 11.91 -18.57 10.48
N ARG A 46 12.74 -19.32 9.76
CA ARG A 46 14.18 -19.08 9.76
C ARG A 46 14.59 -17.75 9.15
N GLY A 47 15.51 -17.06 9.82
CA GLY A 47 16.14 -15.90 9.27
C GLY A 47 17.61 -16.16 9.03
N VAL A 48 18.18 -15.41 8.09
CA VAL A 48 19.61 -15.45 7.80
CA VAL A 48 19.61 -15.45 7.80
C VAL A 48 20.16 -14.01 7.84
N LEU A 49 21.38 -13.86 8.32
CA LEU A 49 22.01 -12.56 8.44
C LEU A 49 22.69 -12.16 7.15
N THR A 50 22.40 -10.96 6.66
CA THR A 50 23.02 -10.47 5.43
C THR A 50 24.21 -9.58 5.76
N ASN A 51 25.06 -9.31 4.76
CA ASN A 51 26.24 -8.46 4.99
C ASN A 51 25.91 -7.01 5.30
N LEU A 52 24.69 -6.58 4.94
CA LEU A 52 24.19 -5.25 5.25
C LEU A 52 23.71 -5.13 6.70
N GLY A 53 23.65 -6.27 7.40
CA GLY A 53 23.36 -6.27 8.84
C GLY A 53 21.90 -6.54 9.12
N ALA A 54 21.09 -6.57 8.07
CA ALA A 54 19.66 -6.87 8.18
C ALA A 54 19.40 -8.38 8.06
N VAL A 55 18.42 -8.86 8.82
CA VAL A 55 17.98 -10.25 8.70
C VAL A 55 17.06 -10.39 7.49
N ALA A 56 17.18 -11.52 6.79
CA ALA A 56 16.32 -11.87 5.66
C ALA A 56 15.54 -13.13 6.01
N VAL A 57 14.26 -13.11 5.66
CA VAL A 57 13.39 -14.29 5.80
C VAL A 57 12.68 -14.58 4.49
N ASP A 58 12.15 -15.78 4.39
CA ASP A 58 11.22 -16.15 3.32
C ASP A 58 9.81 -16.23 3.89
N THR A 59 8.81 -15.70 3.16
CA THR A 59 7.45 -15.61 3.69
C THR A 59 6.59 -16.82 3.36
N GLY A 60 7.20 -17.82 2.73
CA GLY A 60 6.55 -19.10 2.48
C GLY A 60 5.91 -19.16 1.11
N ILE A 61 4.85 -19.94 1.00
CA ILE A 61 4.19 -20.10 -0.29
C ILE A 61 3.58 -18.78 -0.79
N PHE A 62 3.04 -18.00 0.14
CA PHE A 62 2.52 -16.70 -0.18
C PHE A 62 3.60 -15.63 -0.12
N THR A 63 3.80 -14.95 -1.25
CA THR A 63 4.78 -13.88 -1.33
C THR A 63 4.10 -12.57 -1.71
N GLY A 64 2.78 -12.52 -1.53
CA GLY A 64 1.98 -11.31 -1.72
C GLY A 64 0.64 -11.55 -1.07
N ARG A 65 -0.23 -10.55 -1.10
CA ARG A 65 -1.58 -10.73 -0.55
C ARG A 65 -2.41 -11.75 -1.35
N SER A 66 -3.46 -12.23 -0.71
CA SER A 66 -4.36 -13.19 -1.34
C SER A 66 -5.78 -12.61 -1.28
N PRO A 67 -6.10 -11.70 -2.21
CA PRO A 67 -7.41 -11.05 -2.19
C PRO A 67 -8.56 -12.06 -2.32
N LYS A 68 -8.33 -13.17 -3.01
CA LYS A 68 -9.40 -14.17 -3.17
C LYS A 68 -9.77 -14.90 -1.88
N ASP A 69 -8.94 -14.71 -0.83
CA ASP A 69 -9.19 -15.34 0.48
C ASP A 69 -9.66 -14.31 1.52
N LYS A 70 -9.99 -13.10 1.06
CA LYS A 70 -10.43 -12.02 1.97
C LYS A 70 -11.92 -12.03 2.20
N TYR A 71 -12.33 -12.03 3.47
CA TYR A 71 -13.76 -12.05 3.84
C TYR A 71 -14.07 -11.10 4.96
N ILE A 72 -15.27 -10.53 4.92
CA ILE A 72 -15.78 -9.64 5.97
C ILE A 72 -17.10 -10.18 6.50
N VAL A 73 -17.21 -10.31 7.82
CA VAL A 73 -18.48 -10.81 8.39
C VAL A 73 -19.60 -9.80 8.09
N ARG A 74 -20.67 -10.29 7.49
CA ARG A 74 -21.84 -9.48 7.19
C ARG A 74 -22.84 -9.66 8.34
N ASP A 75 -23.07 -8.57 9.07
CA ASP A 75 -23.95 -8.59 10.24
C ASP A 75 -24.64 -7.24 10.30
N ASP A 76 -25.34 -6.94 11.38
CA ASP A 76 -26.09 -5.68 11.44
C ASP A 76 -25.22 -4.43 11.49
N THR A 77 -23.96 -4.59 11.85
CA THR A 77 -23.02 -3.47 11.89
C THR A 77 -22.50 -3.14 10.49
N THR A 78 -22.23 -4.16 9.67
CA THR A 78 -21.64 -3.95 8.36
C THR A 78 -22.60 -4.01 7.18
N ARG A 79 -23.79 -4.58 7.38
CA ARG A 79 -24.68 -4.87 6.23
C ARG A 79 -24.93 -3.68 5.29
N ASP A 80 -25.25 -2.53 5.87
CA ASP A 80 -25.70 -1.40 5.06
C ASP A 80 -24.64 -0.36 4.75
N THR A 81 -23.41 -0.56 5.25
CA THR A 81 -22.35 0.40 4.94
C THR A 81 -21.21 -0.18 4.14
N PHE A 82 -20.96 -1.47 4.27
CA PHE A 82 -19.83 -2.08 3.56
C PHE A 82 -20.07 -2.13 2.05
N TRP A 83 -19.00 -2.01 1.30
CA TRP A 83 -19.07 -2.16 -0.15
C TRP A 83 -18.91 -3.64 -0.48
N TRP A 84 -20.03 -4.35 -0.53
CA TRP A 84 -20.00 -5.80 -0.64
C TRP A 84 -19.70 -6.33 -2.04
N ALA A 85 -18.97 -7.43 -2.11
CA ALA A 85 -18.57 -8.01 -3.38
C ALA A 85 -19.79 -8.51 -4.18
N ASP A 86 -20.87 -8.82 -3.47
CA ASP A 86 -22.04 -9.45 -4.10
C ASP A 86 -23.22 -8.51 -4.29
N LYS A 87 -23.03 -7.22 -4.02
CA LYS A 87 -24.17 -6.26 -3.97
C LYS A 87 -24.48 -5.51 -5.28
N GLY A 88 -23.73 -5.81 -6.33
CA GLY A 88 -24.02 -5.22 -7.65
C GLY A 88 -23.62 -3.76 -7.73
N LYS A 89 -22.59 -3.40 -6.98
CA LYS A 89 -22.06 -2.04 -6.99
C LYS A 89 -20.60 -1.96 -7.45
N GLY A 90 -20.18 -2.91 -8.30
CA GLY A 90 -18.81 -2.94 -8.83
C GLY A 90 -17.96 -4.05 -8.21
N LYS A 91 -16.97 -4.53 -8.96
CA LYS A 91 -16.11 -5.61 -8.50
C LYS A 91 -15.26 -5.17 -7.31
N ASN A 92 -15.25 -5.99 -6.26
CA ASN A 92 -14.34 -5.78 -5.14
C ASN A 92 -14.07 -7.12 -4.44
N ASP A 93 -13.18 -7.10 -3.44
CA ASP A 93 -12.82 -8.33 -2.72
C ASP A 93 -13.51 -8.48 -1.37
N ASN A 94 -14.47 -7.61 -1.08
CA ASN A 94 -15.19 -7.66 0.20
C ASN A 94 -16.25 -8.74 0.21
N LYS A 95 -15.83 -9.99 0.30
CA LYS A 95 -16.76 -11.13 0.20
C LYS A 95 -17.42 -11.35 1.55
N PRO A 96 -18.73 -11.57 1.56
CA PRO A 96 -19.45 -11.67 2.83
C PRO A 96 -19.21 -12.98 3.54
N LEU A 97 -19.08 -12.91 4.85
CA LEU A 97 -18.86 -14.10 5.66
C LEU A 97 -19.96 -14.22 6.74
N SER A 98 -20.41 -15.44 7.01
CA SER A 98 -21.44 -15.61 8.05
C SER A 98 -20.81 -15.54 9.45
N PRO A 99 -21.58 -15.05 10.44
CA PRO A 99 -21.10 -15.11 11.82
C PRO A 99 -20.73 -16.55 12.25
N GLU A 100 -21.48 -17.54 11.77
CA GLU A 100 -21.22 -18.92 12.16
C GLU A 100 -19.88 -19.40 11.61
N THR A 101 -19.62 -19.06 10.36
CA THR A 101 -18.35 -19.47 9.74
C THR A 101 -17.19 -18.75 10.41
N TRP A 102 -17.41 -17.48 10.77
CA TRP A 102 -16.41 -16.73 11.54
C TRP A 102 -16.01 -17.48 12.81
N GLN A 103 -17.01 -17.98 13.55
CA GLN A 103 -16.69 -18.69 14.80
C GLN A 103 -15.84 -19.93 14.53
N HIS A 104 -16.12 -20.63 13.43
CA HIS A 104 -15.29 -21.77 13.04
C HIS A 104 -13.84 -21.34 12.77
N LEU A 105 -13.67 -20.24 12.04
CA LEU A 105 -12.30 -19.73 11.73
C LEU A 105 -11.60 -19.28 12.99
N LYS A 106 -12.34 -18.65 13.90
CA LYS A 106 -11.75 -18.20 15.17
C LYS A 106 -11.29 -19.39 15.98
N GLY A 107 -12.06 -20.47 15.95
CA GLY A 107 -11.66 -21.70 16.64
C GLY A 107 -10.36 -22.25 16.07
N LEU A 108 -10.21 -22.22 14.75
CA LEU A 108 -8.98 -22.72 14.10
C LEU A 108 -7.77 -21.94 14.61
N VAL A 109 -7.85 -20.63 14.54
CA VAL A 109 -6.72 -19.75 14.90
C VAL A 109 -6.41 -19.81 16.39
N THR A 110 -7.42 -19.68 17.24
CA THR A 110 -7.16 -19.70 18.67
C THR A 110 -6.59 -21.04 19.13
N ARG A 111 -7.07 -22.15 18.56
CA ARG A 111 -6.48 -23.44 18.92
C ARG A 111 -5.05 -23.55 18.42
N GLN A 112 -4.78 -23.05 17.21
CA GLN A 112 -3.42 -23.09 16.68
C GLN A 112 -2.45 -22.35 17.60
N LEU A 113 -2.87 -21.20 18.13
CA LEU A 113 -2.02 -20.38 18.98
C LEU A 113 -1.96 -20.84 20.44
N SER A 114 -2.89 -21.71 20.82
CA SER A 114 -2.90 -22.32 22.16
C SER A 114 -1.72 -23.26 22.34
N GLY A 115 -1.13 -23.25 23.54
CA GLY A 115 -0.01 -24.13 23.85
C GLY A 115 1.29 -23.76 23.14
N LYS A 116 1.39 -22.53 22.62
CA LYS A 116 2.58 -22.09 21.89
C LYS A 116 3.23 -20.97 22.65
N ARG A 117 4.49 -20.71 22.33
CA ARG A 117 5.12 -19.46 22.76
C ARG A 117 4.56 -18.38 21.84
N LEU A 118 4.00 -17.34 22.43
CA LEU A 118 3.38 -16.24 21.64
C LEU A 118 4.07 -14.89 21.80
N PHE A 119 4.16 -14.17 20.68
CA PHE A 119 4.56 -12.75 20.69
C PHE A 119 3.30 -11.91 20.70
N VAL A 120 3.27 -10.91 21.57
CA VAL A 120 2.14 -9.98 21.62
C VAL A 120 2.71 -8.59 21.42
N VAL A 121 2.29 -7.96 20.33
CA VAL A 121 2.77 -6.60 19.99
C VAL A 121 1.60 -5.65 20.04
N ASP A 122 1.67 -4.68 20.94
CA ASP A 122 0.68 -3.60 20.98
C ASP A 122 1.21 -2.42 20.15
N ALA A 123 0.36 -1.85 19.32
CA ALA A 123 0.78 -0.79 18.41
C ALA A 123 -0.42 0.05 18.01
N PHE A 124 -0.14 1.20 17.42
CA PHE A 124 -1.20 2.06 16.89
C PHE A 124 -1.26 2.06 15.39
N CYS A 125 -2.48 2.19 14.87
CA CYS A 125 -2.68 2.49 13.45
C CYS A 125 -3.34 3.87 13.39
N GLY A 126 -2.56 4.87 12.96
CA GLY A 126 -3.03 6.27 12.92
C GLY A 126 -2.20 7.14 13.87
N ALA A 127 -1.68 8.23 13.32
CA ALA A 127 -0.76 9.11 14.07
C ALA A 127 -1.48 9.92 15.15
N ASN A 128 -2.79 10.12 14.96
CA ASN A 128 -3.59 10.98 15.83
C ASN A 128 -4.34 10.20 16.90
N PRO A 129 -4.16 10.56 18.18
CA PRO A 129 -4.94 9.87 19.22
C PRO A 129 -6.46 9.81 19.02
N ASP A 130 -7.06 10.83 18.39
CA ASP A 130 -8.52 10.90 18.29
C ASP A 130 -9.15 9.85 17.36
N THR A 131 -8.37 9.35 16.40
CA THR A 131 -8.89 8.45 15.37
C THR A 131 -8.08 7.16 15.23
N ARG A 132 -7.00 7.03 15.99
CA ARG A 132 -6.17 5.83 15.87
C ARG A 132 -6.81 4.58 16.42
N LEU A 133 -6.50 3.45 15.81
CA LEU A 133 -6.81 2.14 16.38
C LEU A 133 -5.68 1.74 17.32
N SER A 134 -6.05 1.16 18.47
CA SER A 134 -5.10 0.53 19.40
C SER A 134 -5.12 -0.95 19.08
N VAL A 135 -4.12 -1.44 18.36
CA VAL A 135 -4.19 -2.80 17.84
C VAL A 135 -3.28 -3.72 18.64
N ARG A 136 -3.79 -4.89 18.99
CA ARG A 136 -2.99 -5.92 19.65
C ARG A 136 -2.80 -7.06 18.67
N PHE A 137 -1.54 -7.32 18.30
CA PHE A 137 -1.18 -8.36 17.36
C PHE A 137 -0.64 -9.56 18.11
N ILE A 138 -1.08 -10.75 17.74
CA ILE A 138 -0.67 -12.00 18.38
C ILE A 138 -0.17 -12.96 17.32
N THR A 139 1.06 -13.45 17.48
CA THR A 139 1.66 -14.36 16.49
C THR A 139 2.58 -15.37 17.18
N GLU A 140 2.84 -16.50 16.53
CA GLU A 140 3.86 -17.45 17.04
C GLU A 140 5.14 -17.44 16.23
N VAL A 141 5.31 -16.46 15.34
CA VAL A 141 6.46 -16.41 14.45
C VAL A 141 7.15 -15.07 14.70
N ALA A 142 8.41 -15.13 15.14
CA ALA A 142 9.12 -13.92 15.51
C ALA A 142 9.18 -12.90 14.38
N TRP A 143 9.44 -13.32 13.14
CA TRP A 143 9.56 -12.30 12.11
C TRP A 143 8.23 -11.61 11.80
N GLN A 144 7.11 -12.28 12.09
CA GLN A 144 5.79 -11.64 11.95
C GLN A 144 5.64 -10.54 13.00
N ALA A 145 6.10 -10.81 14.22
CA ALA A 145 6.09 -9.79 15.27
C ALA A 145 7.00 -8.62 14.86
N HIS A 146 8.15 -8.94 14.26
CA HIS A 146 9.07 -7.91 13.80
C HIS A 146 8.42 -7.03 12.72
N PHE A 147 7.76 -7.67 11.75
CA PHE A 147 7.07 -6.93 10.72
C PHE A 147 6.10 -5.90 11.31
N VAL A 148 5.30 -6.32 12.28
CA VAL A 148 4.33 -5.39 12.87
CA VAL A 148 4.33 -5.40 12.90
C VAL A 148 5.00 -4.31 13.73
N LYS A 149 6.09 -4.68 14.41
CA LYS A 149 6.87 -3.68 15.16
C LYS A 149 7.38 -2.58 14.21
N ASN A 150 7.85 -2.99 13.03
CA ASN A 150 8.31 -2.02 12.04
C ASN A 150 7.19 -1.17 11.45
N MET A 151 6.07 -1.81 11.09
CA MET A 151 5.11 -1.19 10.20
C MET A 151 4.06 -0.37 10.91
N PHE A 152 3.75 -0.73 12.16
CA PHE A 152 2.78 0.07 12.92
C PHE A 152 3.47 1.08 13.85
N ILE A 153 2.70 1.96 14.49
CA ILE A 153 3.30 3.00 15.35
C ILE A 153 3.61 2.38 16.70
N ARG A 154 4.87 2.54 17.14
CA ARG A 154 5.38 1.90 18.36
C ARG A 154 5.03 2.79 19.56
N PRO A 155 4.20 2.30 20.48
CA PRO A 155 3.80 3.13 21.60
C PRO A 155 4.95 3.47 22.54
N SER A 156 4.83 4.62 23.18
CA SER A 156 5.74 4.95 24.27
C SER A 156 5.46 4.10 25.48
N ASP A 157 6.37 4.11 26.45
CA ASP A 157 6.12 3.41 27.70
C ASP A 157 4.84 3.89 28.39
N GLU A 158 4.57 5.20 28.37
CA GLU A 158 3.34 5.72 28.96
C GLU A 158 2.12 5.18 28.22
N GLU A 159 2.19 5.16 26.90
CA GLU A 159 1.08 4.65 26.09
C GLU A 159 0.84 3.16 26.35
N LEU A 160 1.93 2.42 26.56
CA LEU A 160 1.81 1.00 26.84
C LEU A 160 1.13 0.75 28.19
N ALA A 161 1.43 1.57 29.18
CA ALA A 161 0.83 1.41 30.50
C ALA A 161 -0.69 1.58 30.46
N GLY A 162 -1.17 2.45 29.58
CA GLY A 162 -2.60 2.68 29.45
C GLY A 162 -3.24 1.99 28.26
N PHE A 163 -2.56 1.00 27.69
CA PHE A 163 -3.02 0.42 26.42
C PHE A 163 -4.31 -0.37 26.56
N LYS A 164 -5.29 -0.01 25.74
CA LYS A 164 -6.56 -0.71 25.70
C LYS A 164 -6.86 -1.05 24.26
N PRO A 165 -6.68 -2.33 23.88
CA PRO A 165 -6.92 -2.65 22.47
C PRO A 165 -8.35 -2.39 22.04
N ASP A 166 -8.52 -1.85 20.84
CA ASP A 166 -9.84 -1.85 20.23
C ASP A 166 -9.86 -2.54 18.87
N PHE A 167 -8.78 -3.27 18.58
CA PHE A 167 -8.77 -4.23 17.47
C PHE A 167 -7.74 -5.29 17.80
N ILE A 168 -8.08 -6.55 17.52
CA ILE A 168 -7.16 -7.68 17.77
C ILE A 168 -6.85 -8.35 16.45
N VAL A 169 -5.57 -8.60 16.19
CA VAL A 169 -5.16 -9.30 14.96
C VAL A 169 -4.50 -10.60 15.41
N MET A 170 -5.09 -11.73 15.03
CA MET A 170 -4.59 -13.04 15.45
C MET A 170 -4.06 -13.74 14.23
N ASN A 171 -2.75 -13.91 14.19
CA ASN A 171 -2.11 -14.51 13.03
C ASN A 171 -1.91 -16.01 13.23
N GLY A 172 -2.75 -16.81 12.58
CA GLY A 172 -2.66 -18.27 12.63
C GLY A 172 -2.14 -18.83 11.32
N ALA A 173 -1.07 -18.22 10.79
CA ALA A 173 -0.50 -18.63 9.51
C ALA A 173 -0.30 -20.15 9.38
N LYS A 174 0.09 -20.80 10.47
CA LYS A 174 0.42 -22.22 10.40
C LYS A 174 -0.78 -23.14 10.37
N CYS A 175 -1.99 -22.60 10.53
CA CYS A 175 -3.18 -23.43 10.45
C CYS A 175 -3.86 -23.27 9.11
N THR A 176 -4.72 -24.22 8.76
CA THR A 176 -5.55 -24.09 7.58
C THR A 176 -6.95 -24.53 7.93
N ASN A 177 -7.88 -24.27 7.00
CA ASN A 177 -9.28 -24.56 7.20
C ASN A 177 -9.75 -25.79 6.42
N PRO A 178 -9.95 -26.93 7.11
CA PRO A 178 -10.35 -28.15 6.39
C PRO A 178 -11.78 -28.13 5.88
N GLN A 179 -12.60 -27.20 6.36
CA GLN A 179 -14.01 -27.16 5.98
C GLN A 179 -14.34 -26.12 4.92
N TRP A 180 -13.34 -25.62 4.21
CA TRP A 180 -13.56 -24.51 3.30
C TRP A 180 -14.53 -24.80 2.17
N LYS A 181 -14.52 -26.03 1.66
CA LYS A 181 -15.43 -26.37 0.56
C LYS A 181 -16.85 -26.30 1.03
N GLU A 182 -17.13 -26.90 2.19
CA GLU A 182 -18.50 -26.93 2.72
C GLU A 182 -18.99 -25.53 3.11
N GLN A 183 -18.05 -24.62 3.35
CA GLN A 183 -18.37 -23.24 3.76
C GLN A 183 -18.44 -22.25 2.58
N GLY A 184 -18.18 -22.73 1.37
CA GLY A 184 -18.29 -21.90 0.18
C GLY A 184 -17.17 -20.88 0.05
N LEU A 185 -16.01 -21.19 0.64
CA LEU A 185 -14.87 -20.26 0.58
C LEU A 185 -13.96 -20.58 -0.60
N ASN A 186 -12.93 -19.78 -0.81
CA ASN A 186 -12.08 -19.90 -1.99
C ASN A 186 -11.03 -20.98 -1.87
N SER A 187 -10.53 -21.16 -0.64
CA SER A 187 -9.43 -22.11 -0.38
C SER A 187 -9.33 -22.42 1.10
N GLU A 188 -8.35 -23.24 1.49
CA GLU A 188 -8.12 -23.56 2.91
C GLU A 188 -7.50 -22.39 3.68
N ASN A 189 -7.16 -21.32 2.97
CA ASN A 189 -6.56 -20.15 3.61
C ASN A 189 -7.64 -19.10 3.89
N PHE A 190 -7.37 -18.12 4.76
CA PHE A 190 -8.39 -17.11 5.03
C PHE A 190 -7.79 -15.86 5.63
N VAL A 191 -8.34 -14.72 5.22
CA VAL A 191 -7.99 -13.44 5.83
C VAL A 191 -9.35 -12.82 6.13
N ALA A 192 -9.78 -12.92 7.39
CA ALA A 192 -11.17 -12.61 7.75
C ALA A 192 -11.28 -11.46 8.75
N PHE A 193 -12.31 -10.63 8.58
CA PHE A 193 -12.51 -9.45 9.43
C PHE A 193 -13.91 -9.48 10.04
N ASN A 194 -14.02 -9.05 11.28
CA ASN A 194 -15.31 -9.00 11.97
C ASN A 194 -15.36 -7.66 12.68
N LEU A 195 -16.29 -6.80 12.30
CA LEU A 195 -16.36 -5.43 12.84
C LEU A 195 -17.21 -5.38 14.11
N THR A 196 -17.87 -6.49 14.43
CA THR A 196 -18.62 -6.59 15.69
C THR A 196 -17.69 -7.02 16.82
N GLU A 197 -16.84 -8.00 16.55
CA GLU A 197 -15.84 -8.46 17.53
C GLU A 197 -14.54 -7.67 17.44
N ARG A 198 -14.40 -6.86 16.38
CA ARG A 198 -13.25 -6.00 16.13
C ARG A 198 -11.97 -6.81 16.08
N MET A 199 -11.92 -7.71 15.09
CA MET A 199 -10.85 -8.68 15.00
C MET A 199 -10.55 -9.03 13.55
N GLN A 200 -9.26 -9.31 13.29
CA GLN A 200 -8.81 -9.93 12.05
C GLN A 200 -8.21 -11.30 12.36
N LEU A 201 -8.57 -12.29 11.55
CA LEU A 201 -8.01 -13.66 11.66
C LEU A 201 -7.28 -13.97 10.37
N ILE A 202 -6.09 -14.53 10.50
CA ILE A 202 -5.32 -14.99 9.32
C ILE A 202 -4.98 -16.47 9.47
N GLY A 203 -5.25 -17.22 8.42
CA GLY A 203 -4.91 -18.64 8.39
C GLY A 203 -4.26 -18.97 7.04
N GLY A 204 -3.20 -19.77 7.10
CA GLY A 204 -2.61 -20.37 5.88
C GLY A 204 -1.51 -19.58 5.24
N THR A 205 -1.71 -18.26 5.14
CA THR A 205 -0.69 -17.39 4.60
C THR A 205 0.15 -16.74 5.69
N TRP A 206 1.45 -16.79 5.53
CA TRP A 206 2.37 -16.15 6.49
C TRP A 206 2.67 -14.70 6.14
N TYR A 207 2.21 -14.22 4.98
CA TYR A 207 2.63 -12.93 4.43
C TYR A 207 2.19 -11.79 5.34
N GLY A 208 3.16 -10.96 5.75
CA GLY A 208 2.91 -9.88 6.71
C GLY A 208 2.00 -8.78 6.19
N GLY A 209 2.01 -8.58 4.86
CA GLY A 209 1.19 -7.56 4.21
C GLY A 209 -0.30 -7.72 4.49
N GLU A 210 -0.73 -8.94 4.81
CA GLU A 210 -2.14 -9.15 5.17
C GLU A 210 -2.52 -8.39 6.43
N MET A 211 -1.58 -8.26 7.38
CA MET A 211 -1.84 -7.48 8.59
C MET A 211 -1.82 -5.98 8.33
N LYS A 212 -0.84 -5.54 7.55
CA LYS A 212 -0.68 -4.14 7.16
C LYS A 212 -1.91 -3.69 6.38
N LYS A 213 -2.24 -4.38 5.30
CA LYS A 213 -3.37 -3.93 4.49
C LYS A 213 -4.71 -4.26 5.12
N GLY A 214 -4.73 -5.23 6.03
CA GLY A 214 -5.93 -5.53 6.82
C GLY A 214 -6.33 -4.34 7.66
N MET A 215 -5.34 -3.79 8.39
CA MET A 215 -5.66 -2.63 9.22
C MET A 215 -5.95 -1.39 8.37
N PHE A 216 -5.28 -1.27 7.24
CA PHE A 216 -5.57 -0.18 6.31
C PHE A 216 -7.04 -0.28 5.86
N SER A 217 -7.49 -1.50 5.58
CA SER A 217 -8.87 -1.71 5.16
C SER A 217 -9.83 -1.26 6.27
N MET A 218 -9.44 -1.48 7.52
CA MET A 218 -10.31 -1.06 8.63
C MET A 218 -10.36 0.46 8.77
N MET A 219 -9.20 1.12 8.66
CA MET A 219 -9.17 2.59 8.64
C MET A 219 -10.01 3.14 7.47
N ASN A 220 -9.92 2.47 6.32
CA ASN A 220 -10.70 2.84 5.13
C ASN A 220 -12.20 2.72 5.32
N TYR A 221 -12.61 1.91 6.31
CA TYR A 221 -14.01 1.79 6.68
C TYR A 221 -14.39 2.88 7.65
N LEU A 222 -13.64 3.00 8.74
CA LEU A 222 -14.02 3.85 9.88
C LEU A 222 -13.84 5.35 9.64
N LEU A 223 -12.77 5.74 8.96
CA LEU A 223 -12.44 7.17 8.84
C LEU A 223 -13.40 7.98 7.92
N PRO A 224 -13.68 7.52 6.69
CA PRO A 224 -14.59 8.33 5.88
C PRO A 224 -16.02 8.46 6.42
N LEU A 225 -16.44 7.47 7.21
CA LEU A 225 -17.72 7.55 7.93
C LEU A 225 -17.74 8.63 9.02
N LYS A 226 -16.56 9.18 9.34
CA LYS A 226 -16.39 10.31 10.26
C LYS A 226 -15.84 11.55 9.53
N GLY A 227 -15.92 11.54 8.20
CA GLY A 227 -15.58 12.72 7.41
C GLY A 227 -14.10 12.90 7.15
N ILE A 228 -13.33 11.84 7.42
CA ILE A 228 -11.87 11.88 7.23
C ILE A 228 -11.46 11.06 6.02
N ALA A 229 -10.70 11.68 5.09
CA ALA A 229 -10.21 10.93 3.92
C ALA A 229 -9.22 9.87 4.37
N SER A 230 -9.28 8.72 3.71
CA SER A 230 -8.37 7.63 4.02
C SER A 230 -7.78 7.21 2.68
N MET A 231 -6.47 7.29 2.56
CA MET A 231 -5.82 7.42 1.25
C MET A 231 -4.68 6.44 1.05
N HIS A 232 -4.66 5.82 -0.13
CA HIS A 232 -3.55 4.97 -0.50
C HIS A 232 -2.49 5.82 -1.19
N CYS A 233 -1.65 6.46 -0.40
CA CYS A 233 -0.69 7.39 -0.93
C CYS A 233 0.54 7.48 -0.05
N SER A 234 1.65 7.87 -0.64
CA SER A 234 2.76 8.38 0.18
C SER A 234 2.62 9.88 0.37
N ALA A 235 3.44 10.46 1.24
CA ALA A 235 3.30 11.89 1.55
C ALA A 235 4.61 12.46 2.06
N ASN A 236 4.89 13.70 1.66
CA ASN A 236 6.05 14.40 2.23
C ASN A 236 5.84 15.90 2.28
N VAL A 237 6.78 16.60 2.90
CA VAL A 237 6.59 18.03 3.15
C VAL A 237 7.90 18.79 2.95
N GLY A 238 7.77 19.97 2.37
CA GLY A 238 8.89 20.86 2.19
C GLY A 238 9.16 21.69 3.42
N GLU A 239 10.28 22.40 3.40
CA GLU A 239 10.70 23.23 4.52
C GLU A 239 9.65 24.29 4.93
N LYS A 240 8.89 24.82 3.98
CA LYS A 240 7.84 25.82 4.24
C LYS A 240 6.51 25.23 4.72
N GLY A 241 6.42 23.91 4.85
CA GLY A 241 5.18 23.30 5.32
C GLY A 241 4.24 22.87 4.20
N ASP A 242 4.71 23.02 2.96
CA ASP A 242 3.97 22.55 1.79
C ASP A 242 3.99 21.03 1.67
N VAL A 243 2.79 20.44 1.67
CA VAL A 243 2.58 18.99 1.73
C VAL A 243 2.16 18.47 0.35
N ALA A 244 2.71 17.32 -0.02
CA ALA A 244 2.32 16.61 -1.25
C ALA A 244 1.91 15.22 -0.88
N VAL A 245 0.93 14.70 -1.62
CA VAL A 245 0.54 13.30 -1.50
C VAL A 245 0.67 12.63 -2.88
N PHE A 246 1.09 11.37 -2.87
CA PHE A 246 1.33 10.64 -4.12
C PHE A 246 0.48 9.37 -4.10
N PHE A 247 -0.59 9.36 -4.88
CA PHE A 247 -1.41 8.16 -5.04
C PHE A 247 -0.83 7.26 -6.14
N GLY A 248 -1.17 5.98 -6.10
CA GLY A 248 -0.81 5.09 -7.20
C GLY A 248 -0.98 3.65 -6.81
N LEU A 249 -1.12 2.80 -7.82
CA LEU A 249 -1.24 1.36 -7.58
C LEU A 249 0.15 0.78 -7.30
N SER A 250 0.20 -0.51 -7.03
CA SER A 250 1.47 -1.13 -6.63
C SER A 250 2.54 -1.00 -7.70
N GLY A 251 3.75 -0.63 -7.28
CA GLY A 251 4.90 -0.57 -8.19
C GLY A 251 5.01 0.72 -8.99
N THR A 252 4.12 1.69 -8.70
CA THR A 252 4.10 2.92 -9.49
C THR A 252 5.08 3.98 -9.01
N GLY A 253 5.62 3.78 -7.81
CA GLY A 253 6.63 4.71 -7.28
C GLY A 253 6.31 5.48 -5.99
N LYS A 254 5.22 5.16 -5.30
CA LYS A 254 4.88 5.92 -4.08
C LYS A 254 6.03 5.94 -3.06
N THR A 255 6.58 4.75 -2.77
CA THR A 255 7.67 4.64 -1.79
C THR A 255 8.98 5.19 -2.36
N THR A 256 9.30 4.80 -3.59
CA THR A 256 10.51 5.27 -4.25
C THR A 256 10.58 6.79 -4.33
N LEU A 257 9.49 7.44 -4.74
CA LEU A 257 9.55 8.87 -5.03
C LEU A 257 9.27 9.79 -3.83
N SER A 258 8.58 9.30 -2.80
CA SER A 258 8.37 10.10 -1.60
C SER A 258 9.63 10.19 -0.74
N THR A 259 10.52 9.22 -0.92
CA THR A 259 11.77 9.19 -0.19
C THR A 259 12.76 10.03 -1.01
N ASP A 260 12.82 11.31 -0.63
CA ASP A 260 13.37 12.39 -1.43
C ASP A 260 14.20 13.21 -0.46
N PRO A 261 15.51 13.38 -0.73
CA PRO A 261 16.41 14.09 0.20
C PRO A 261 15.99 15.54 0.44
N LYS A 262 15.24 16.09 -0.51
CA LYS A 262 14.81 17.50 -0.46
C LYS A 262 13.49 17.70 0.29
N ARG A 263 12.91 16.60 0.77
CA ARG A 263 11.63 16.66 1.48
C ARG A 263 11.72 15.87 2.77
N ARG A 264 10.90 16.25 3.76
CA ARG A 264 10.75 15.46 4.95
C ARG A 264 9.65 14.43 4.72
N LEU A 265 9.99 13.15 4.90
CA LEU A 265 9.02 12.06 4.71
C LEU A 265 7.96 12.07 5.81
N ILE A 266 6.68 12.09 5.40
CA ILE A 266 5.59 11.87 6.36
C ILE A 266 5.30 10.35 6.43
N GLY A 267 5.18 9.70 5.28
CA GLY A 267 4.90 8.26 5.22
C GLY A 267 4.92 7.74 3.80
N ASP A 268 4.95 6.42 3.63
CA ASP A 268 5.09 5.93 2.27
C ASP A 268 3.86 5.23 1.68
N ASP A 269 2.76 5.05 2.41
CA ASP A 269 1.69 4.18 1.87
C ASP A 269 0.24 4.44 2.27
N GLU A 270 0.03 4.92 3.50
CA GLU A 270 -1.31 4.98 4.08
C GLU A 270 -1.48 6.24 4.90
N HIS A 271 -2.36 7.13 4.46
CA HIS A 271 -2.54 8.43 5.14
C HIS A 271 -4.01 8.80 5.29
N GLY A 272 -4.26 9.57 6.34
CA GLY A 272 -5.59 10.16 6.54
C GLY A 272 -5.51 11.66 6.26
N TRP A 273 -6.65 12.28 6.02
CA TRP A 273 -6.70 13.72 5.82
C TRP A 273 -7.92 14.25 6.56
N ASP A 274 -7.64 14.90 7.68
CA ASP A 274 -8.70 15.42 8.58
C ASP A 274 -8.70 16.94 8.59
N ASP A 275 -9.41 17.55 9.55
CA ASP A 275 -9.52 19.01 9.58
C ASP A 275 -8.17 19.72 9.77
N ASP A 276 -7.19 19.00 10.31
CA ASP A 276 -5.87 19.58 10.61
C ASP A 276 -4.79 19.32 9.57
N GLY A 277 -5.01 18.32 8.71
CA GLY A 277 -4.00 18.01 7.69
C GLY A 277 -3.82 16.52 7.46
N VAL A 278 -2.66 16.16 6.92
CA VAL A 278 -2.40 14.81 6.44
C VAL A 278 -1.56 14.06 7.47
N PHE A 279 -1.97 12.84 7.80
CA PHE A 279 -1.27 12.08 8.83
C PHE A 279 -1.08 10.62 8.42
N ASN A 280 0.07 10.08 8.80
CA ASN A 280 0.47 8.71 8.46
C ASN A 280 -0.23 7.73 9.39
N PHE A 281 -0.67 6.58 8.87
CA PHE A 281 -1.21 5.54 9.75
C PHE A 281 -0.13 4.67 10.36
N GLU A 282 1.05 4.66 9.72
CA GLU A 282 2.08 3.66 9.94
C GLU A 282 3.32 4.18 10.67
N GLY A 283 4.18 3.25 11.10
CA GLY A 283 5.43 3.58 11.79
C GLY A 283 6.67 3.15 11.01
N GLY A 284 6.47 2.69 9.78
CA GLY A 284 7.59 2.18 8.97
C GLY A 284 7.24 2.23 7.52
N CYS A 285 8.19 1.76 6.69
CA CYS A 285 8.01 1.76 5.25
C CYS A 285 8.32 0.36 4.73
N TYR A 286 7.76 0.04 3.58
CA TYR A 286 7.80 -1.32 3.03
C TYR A 286 8.27 -1.22 1.58
N ALA A 287 9.57 -1.11 1.40
CA ALA A 287 10.15 -0.84 0.07
C ALA A 287 10.27 -2.10 -0.80
N LYS A 288 10.07 -1.91 -2.11
CA LYS A 288 10.34 -2.96 -3.09
C LYS A 288 11.84 -3.01 -3.37
N THR A 289 12.41 -4.22 -3.38
CA THR A 289 13.84 -4.36 -3.55
C THR A 289 14.25 -4.99 -4.86
N ILE A 290 13.30 -5.34 -5.73
CA ILE A 290 13.69 -5.96 -7.00
C ILE A 290 14.55 -5.00 -7.81
N LYS A 291 15.70 -5.50 -8.26
CA LYS A 291 16.69 -4.69 -9.01
C LYS A 291 17.08 -3.40 -8.27
N LEU A 292 17.05 -3.43 -6.93
CA LEU A 292 17.38 -2.23 -6.15
C LEU A 292 18.78 -1.73 -6.51
N SER A 293 18.87 -0.42 -6.75
CA SER A 293 20.12 0.27 -7.08
C SER A 293 20.47 1.24 -5.94
N LYS A 294 21.61 1.02 -5.30
CA LYS A 294 22.13 1.94 -4.28
C LYS A 294 22.36 3.36 -4.82
N GLU A 295 22.77 3.45 -6.09
CA GLU A 295 22.95 4.74 -6.75
C GLU A 295 21.61 5.45 -6.98
N ALA A 296 20.60 4.71 -7.46
CA ALA A 296 19.29 5.28 -7.80
C ALA A 296 18.43 5.59 -6.58
N GLU A 297 18.56 4.75 -5.54
CA GLU A 297 17.73 4.85 -4.34
C GLU A 297 18.61 4.74 -3.09
N PRO A 298 19.49 5.75 -2.89
CA PRO A 298 20.46 5.66 -1.78
C PRO A 298 19.86 5.64 -0.38
N GLU A 299 18.76 6.36 -0.16
CA GLU A 299 18.16 6.42 1.17
C GLU A 299 17.48 5.10 1.51
N ILE A 300 16.72 4.56 0.56
CA ILE A 300 16.10 3.26 0.79
C ILE A 300 17.19 2.19 1.00
N TYR A 301 18.21 2.19 0.14
CA TYR A 301 19.31 1.26 0.32
C TYR A 301 19.96 1.38 1.71
N ASN A 302 20.21 2.60 2.15
CA ASN A 302 20.84 2.89 3.44
C ASN A 302 20.00 2.43 4.63
N ALA A 303 18.70 2.27 4.42
CA ALA A 303 17.80 1.86 5.49
C ALA A 303 17.88 0.36 5.76
N ILE A 304 18.50 -0.38 4.84
CA ILE A 304 18.69 -1.82 4.99
C ILE A 304 19.89 -2.07 5.91
N ARG A 305 19.60 -2.26 7.19
CA ARG A 305 20.60 -2.49 8.22
C ARG A 305 19.90 -3.18 9.38
N ARG A 306 20.62 -3.43 10.48
CA ARG A 306 20.02 -4.12 11.60
C ARG A 306 18.68 -3.46 12.00
N ASP A 307 17.66 -4.31 12.14
CA ASP A 307 16.25 -4.00 12.45
C ASP A 307 15.37 -3.85 11.21
N ALA A 308 15.96 -3.71 10.02
CA ALA A 308 15.19 -3.86 8.80
C ALA A 308 14.90 -5.34 8.61
N LEU A 309 13.87 -5.67 7.85
CA LEU A 309 13.55 -7.08 7.65
C LEU A 309 13.33 -7.33 6.18
N LEU A 310 14.28 -8.03 5.56
CA LEU A 310 14.22 -8.35 4.14
C LEU A 310 13.34 -9.56 3.93
N GLU A 311 12.56 -9.52 2.85
CA GLU A 311 11.65 -10.61 2.52
C GLU A 311 11.89 -11.16 1.12
N ASN A 312 12.12 -12.47 1.06
CA ASN A 312 12.13 -13.25 -0.18
C ASN A 312 13.28 -12.92 -1.14
N VAL A 313 14.29 -12.21 -0.65
CA VAL A 313 15.50 -11.93 -1.43
C VAL A 313 16.39 -13.16 -1.50
N THR A 314 17.26 -13.21 -2.51
CA THR A 314 18.26 -14.25 -2.60
C THR A 314 19.53 -13.82 -1.86
N VAL A 315 19.90 -14.61 -0.86
CA VAL A 315 21.11 -14.36 -0.07
C VAL A 315 22.11 -15.44 -0.47
N ARG A 316 23.28 -14.97 -0.90
CA ARG A 316 24.36 -15.86 -1.31
C ARG A 316 24.99 -16.51 -0.08
N GLU A 317 25.80 -17.54 -0.31
CA GLU A 317 26.47 -18.27 0.76
C GLU A 317 27.28 -17.33 1.65
N ASP A 318 27.91 -16.31 1.04
CA ASP A 318 28.77 -15.36 1.74
C ASP A 318 28.02 -14.23 2.46
N GLY A 319 26.69 -14.27 2.38
CA GLY A 319 25.87 -13.28 3.08
C GLY A 319 25.48 -12.06 2.25
N THR A 320 26.05 -11.93 1.05
CA THR A 320 25.65 -10.83 0.15
C THR A 320 24.27 -11.13 -0.47
N ILE A 321 23.57 -10.07 -0.87
CA ILE A 321 22.23 -10.18 -1.42
C ILE A 321 22.27 -9.96 -2.92
N ASP A 322 21.61 -10.82 -3.67
CA ASP A 322 21.41 -10.57 -5.09
C ASP A 322 20.05 -9.91 -5.27
N PHE A 323 20.03 -8.58 -5.31
CA PHE A 323 18.77 -7.84 -5.41
C PHE A 323 18.06 -8.02 -6.75
N ASP A 324 18.79 -8.51 -7.76
CA ASP A 324 18.23 -8.68 -9.08
C ASP A 324 17.44 -9.97 -9.24
N ASP A 325 17.62 -10.90 -8.30
CA ASP A 325 17.03 -12.24 -8.41
C ASP A 325 15.57 -12.24 -7.95
N GLY A 326 14.66 -12.39 -8.92
CA GLY A 326 13.24 -12.51 -8.63
C GLY A 326 12.72 -13.94 -8.65
N SER A 327 13.62 -14.91 -8.44
CA SER A 327 13.25 -16.33 -8.52
C SER A 327 12.17 -16.74 -7.51
N LYS A 328 12.25 -16.19 -6.30
CA LYS A 328 11.24 -16.46 -5.26
C LYS A 328 9.94 -15.71 -5.56
N THR A 329 10.10 -14.48 -6.03
CA THR A 329 9.00 -13.56 -6.35
C THR A 329 9.59 -12.27 -6.91
N GLU A 330 8.84 -11.57 -7.76
CA GLU A 330 9.19 -10.19 -8.13
C GLU A 330 8.93 -9.23 -6.96
N ASN A 331 8.08 -9.67 -6.02
CA ASN A 331 7.65 -8.86 -4.88
C ASN A 331 8.60 -8.96 -3.69
N THR A 332 9.91 -8.99 -3.95
CA THR A 332 10.88 -8.88 -2.85
C THR A 332 10.72 -7.51 -2.15
N ARG A 333 10.86 -7.51 -0.82
CA ARG A 333 10.56 -6.34 0.00
C ARG A 333 11.56 -6.18 1.12
N VAL A 334 11.64 -4.97 1.65
CA VAL A 334 12.28 -4.75 2.97
C VAL A 334 11.37 -3.83 3.78
N SER A 335 11.11 -4.18 5.04
CA SER A 335 10.45 -3.24 5.94
C SER A 335 11.47 -2.67 6.89
N TYR A 336 11.23 -1.45 7.33
CA TYR A 336 12.10 -0.79 8.30
C TYR A 336 11.28 0.24 9.05
N PRO A 337 11.63 0.49 10.33
CA PRO A 337 10.96 1.58 11.03
C PRO A 337 11.30 2.88 10.32
N ILE A 338 10.41 3.85 10.39
CA ILE A 338 10.53 5.01 9.50
C ILE A 338 11.80 5.82 9.80
N TYR A 339 12.31 5.72 11.03
CA TYR A 339 13.49 6.51 11.40
C TYR A 339 14.80 5.99 10.80
N HIS A 340 14.72 4.89 10.03
CA HIS A 340 15.86 4.49 9.19
C HIS A 340 16.06 5.42 7.99
N ILE A 341 15.12 6.32 7.77
CA ILE A 341 15.23 7.37 6.76
C ILE A 341 15.65 8.62 7.52
N ASP A 342 16.67 9.32 7.02
CA ASP A 342 17.28 10.40 7.77
C ASP A 342 16.41 11.66 7.84
N ASN A 343 15.70 11.97 6.77
CA ASN A 343 14.95 13.22 6.76
C ASN A 343 13.47 12.92 6.83
N ILE A 344 12.97 12.82 8.07
CA ILE A 344 11.56 12.53 8.28
C ILE A 344 10.91 13.55 9.21
N VAL A 345 9.59 13.65 9.11
CA VAL A 345 8.81 14.40 10.08
C VAL A 345 8.78 13.63 11.41
N LYS A 346 9.15 14.28 12.50
CA LYS A 346 9.17 13.62 13.81
C LYS A 346 8.91 14.66 14.90
N PRO A 347 8.41 14.25 16.08
CA PRO A 347 8.15 12.89 16.54
C PRO A 347 6.84 12.24 16.08
N VAL A 348 5.98 13.00 15.42
CA VAL A 348 4.70 12.46 14.95
C VAL A 348 4.59 12.64 13.45
N SER A 349 4.24 11.56 12.75
CA SER A 349 4.22 11.58 11.28
C SER A 349 2.95 12.23 10.72
N LYS A 350 2.95 13.57 10.71
CA LYS A 350 1.81 14.34 10.23
C LYS A 350 2.25 15.72 9.84
N ALA A 351 1.46 16.36 8.98
CA ALA A 351 1.73 17.73 8.58
C ALA A 351 0.43 18.41 8.16
N GLY A 352 0.54 19.56 7.52
CA GLY A 352 -0.64 20.33 7.12
C GLY A 352 -1.42 19.75 5.96
N HIS A 353 -2.23 20.61 5.37
CA HIS A 353 -3.07 20.22 4.25
C HIS A 353 -2.27 20.11 2.98
N ALA A 354 -2.54 19.06 2.20
CA ALA A 354 -1.82 18.89 0.95
C ALA A 354 -2.26 19.96 -0.04
N THR A 355 -1.27 20.56 -0.72
CA THR A 355 -1.55 21.47 -1.83
C THR A 355 -1.14 20.88 -3.19
N LYS A 356 -0.44 19.75 -3.17
CA LYS A 356 -0.07 19.04 -4.41
C LYS A 356 -0.50 17.60 -4.28
N VAL A 357 -1.31 17.15 -5.24
CA VAL A 357 -1.84 15.80 -5.27
C VAL A 357 -1.32 15.18 -6.55
N ILE A 358 -0.51 14.14 -6.42
CA ILE A 358 0.12 13.55 -7.59
C ILE A 358 -0.44 12.14 -7.75
N PHE A 359 -0.94 11.84 -8.96
CA PHE A 359 -1.39 10.49 -9.28
C PHE A 359 -0.29 9.84 -10.10
N LEU A 360 0.38 8.83 -9.53
CA LEU A 360 1.40 8.06 -10.26
C LEU A 360 0.75 6.93 -11.03
N THR A 361 1.26 6.64 -12.22
CA THR A 361 0.78 5.49 -12.99
C THR A 361 1.95 4.93 -13.78
N ALA A 362 2.00 3.63 -13.98
CA ALA A 362 3.05 3.03 -14.81
C ALA A 362 2.40 2.54 -16.09
N ASP A 363 2.45 3.38 -17.13
CA ASP A 363 1.70 3.05 -18.33
C ASP A 363 2.47 2.12 -19.27
N ALA A 364 2.18 0.83 -19.20
CA ALA A 364 2.85 -0.16 -20.07
C ALA A 364 2.47 -0.03 -21.54
N PHE A 365 1.40 0.72 -21.83
CA PHE A 365 1.00 1.01 -23.20
C PHE A 365 1.85 2.09 -23.83
N GLY A 366 2.64 2.79 -23.03
CA GLY A 366 3.53 3.85 -23.51
C GLY A 366 2.82 5.04 -24.17
N VAL A 367 1.70 5.45 -23.59
CA VAL A 367 0.83 6.48 -24.15
C VAL A 367 0.87 7.78 -23.37
N LEU A 368 0.85 7.66 -22.05
CA LEU A 368 0.66 8.82 -21.20
C LEU A 368 1.93 9.66 -21.05
N PRO A 369 1.78 10.99 -20.95
CA PRO A 369 2.98 11.83 -20.80
C PRO A 369 3.60 11.61 -19.44
N PRO A 370 4.93 11.82 -19.33
CA PRO A 370 5.59 11.80 -18.03
C PRO A 370 4.91 12.69 -16.99
N VAL A 371 4.44 13.86 -17.39
CA VAL A 371 3.71 14.71 -16.46
C VAL A 371 2.67 15.58 -17.14
N SER A 372 1.52 15.70 -16.48
CA SER A 372 0.48 16.62 -16.92
C SER A 372 -0.26 17.20 -15.72
N ARG A 373 -0.70 18.44 -15.87
CA ARG A 373 -1.53 19.14 -14.88
C ARG A 373 -2.97 18.76 -15.16
N LEU A 374 -3.72 18.33 -14.15
CA LEU A 374 -5.09 17.88 -14.35
C LEU A 374 -6.09 18.99 -14.03
N THR A 375 -7.19 19.03 -14.78
CA THR A 375 -8.31 19.87 -14.41
C THR A 375 -9.03 19.24 -13.22
N ALA A 376 -9.96 19.98 -12.63
CA ALA A 376 -10.73 19.46 -11.51
C ALA A 376 -11.51 18.22 -11.95
N ASP A 377 -12.14 18.29 -13.12
CA ASP A 377 -12.93 17.12 -13.57
C ASP A 377 -12.06 15.92 -13.94
N GLN A 378 -10.91 16.18 -14.55
CA GLN A 378 -9.95 15.12 -14.88
C GLN A 378 -9.41 14.46 -13.63
N THR A 379 -9.25 15.25 -12.56
CA THR A 379 -8.82 14.71 -11.27
C THR A 379 -9.82 13.67 -10.77
N GLN A 380 -11.11 14.01 -10.81
CA GLN A 380 -12.14 13.06 -10.41
C GLN A 380 -12.20 11.85 -11.32
N TYR A 381 -12.10 12.07 -12.63
CA TYR A 381 -12.14 10.98 -13.60
C TYR A 381 -11.01 9.99 -13.36
N HIS A 382 -9.78 10.52 -13.18
CA HIS A 382 -8.63 9.64 -13.06
C HIS A 382 -8.54 8.98 -11.69
N PHE A 383 -9.10 9.65 -10.67
CA PHE A 383 -9.16 9.05 -9.35
C PHE A 383 -10.07 7.82 -9.33
N LEU A 384 -11.25 7.96 -9.95
CA LEU A 384 -12.17 6.82 -10.04
C LEU A 384 -11.65 5.73 -10.96
N SER A 385 -10.99 6.14 -12.05
CA SER A 385 -10.40 5.18 -12.99
C SER A 385 -9.29 4.32 -12.36
N GLY A 386 -8.34 4.97 -11.69
CA GLY A 386 -7.26 4.25 -10.99
C GLY A 386 -6.45 3.35 -11.89
N PHE A 387 -5.91 3.91 -12.98
CA PHE A 387 -5.18 3.12 -13.98
C PHE A 387 -3.71 2.87 -13.68
N THR A 388 -3.27 1.65 -13.97
CA THR A 388 -1.86 1.36 -14.23
C THR A 388 -1.82 0.16 -15.20
N ALA A 389 -0.64 -0.14 -15.73
CA ALA A 389 -0.50 -1.33 -16.56
C ALA A 389 0.83 -2.03 -16.35
N LYS A 390 0.93 -3.27 -16.80
CA LYS A 390 2.15 -4.05 -16.69
C LYS A 390 2.46 -4.67 -18.04
N LEU A 391 3.74 -4.90 -18.32
CA LEU A 391 4.15 -5.80 -19.40
C LEU A 391 4.06 -7.22 -18.87
N ALA A 392 2.95 -7.88 -19.15
CA ALA A 392 2.65 -9.19 -18.55
C ALA A 392 3.40 -10.34 -19.22
N GLY A 393 3.96 -10.11 -20.40
CA GLY A 393 4.54 -11.21 -21.18
C GLY A 393 6.06 -11.30 -21.19
N THR A 394 6.71 -10.51 -20.35
CA THR A 394 8.16 -10.36 -20.34
C THR A 394 8.94 -11.71 -20.28
N GLU A 395 8.51 -12.60 -19.39
CA GLU A 395 9.17 -13.91 -19.24
C GLU A 395 9.05 -14.78 -20.48
N ARG A 396 8.10 -14.43 -21.36
CA ARG A 396 7.84 -15.16 -22.62
C ARG A 396 8.33 -14.35 -23.83
N GLY A 397 9.02 -13.24 -23.56
CA GLY A 397 9.61 -12.44 -24.61
C GLY A 397 8.61 -11.60 -25.40
N ILE A 398 7.49 -11.30 -24.78
CA ILE A 398 6.47 -10.50 -25.45
C ILE A 398 6.04 -9.36 -24.53
N THR A 399 5.39 -8.36 -25.10
CA THR A 399 4.96 -7.20 -24.31
C THR A 399 3.72 -7.52 -23.47
N GLU A 400 2.62 -7.85 -24.15
CA GLU A 400 1.33 -8.10 -23.51
C GLU A 400 1.00 -7.05 -22.45
N PRO A 401 0.88 -5.76 -22.88
CA PRO A 401 0.51 -4.75 -21.89
C PRO A 401 -0.88 -5.08 -21.35
N THR A 402 -1.00 -5.10 -20.03
CA THR A 402 -2.20 -5.58 -19.37
C THR A 402 -2.66 -4.49 -18.41
N PRO A 403 -3.87 -3.94 -18.64
CA PRO A 403 -4.35 -2.83 -17.82
C PRO A 403 -4.91 -3.29 -16.49
N THR A 404 -4.79 -2.44 -15.48
CA THR A 404 -5.50 -2.60 -14.22
C THR A 404 -6.19 -1.28 -13.96
N PHE A 405 -7.50 -1.33 -13.70
CA PHE A 405 -8.26 -0.18 -13.25
C PHE A 405 -8.76 -0.52 -11.86
N SER A 406 -8.27 0.23 -10.88
CA SER A 406 -8.57 -0.04 -9.50
C SER A 406 -8.96 1.29 -8.87
N ALA A 407 -10.25 1.42 -8.54
CA ALA A 407 -10.83 2.68 -8.09
C ALA A 407 -10.05 3.28 -6.93
N CYS A 408 -9.85 4.60 -6.97
CA CYS A 408 -9.16 5.33 -5.90
C CYS A 408 -7.70 4.92 -5.76
N PHE A 409 -7.15 4.26 -6.78
CA PHE A 409 -5.78 3.75 -6.74
C PHE A 409 -5.57 2.79 -5.57
N GLY A 410 -6.63 2.07 -5.18
CA GLY A 410 -6.54 1.13 -4.06
C GLY A 410 -7.81 0.37 -3.77
N ALA A 411 -8.49 -0.10 -4.81
CA ALA A 411 -9.79 -0.77 -4.63
C ALA A 411 -9.72 -2.02 -3.75
N ALA A 412 -8.58 -2.71 -3.78
CA ALA A 412 -8.36 -3.91 -2.94
C ALA A 412 -8.53 -3.64 -1.44
N PHE A 413 -8.42 -2.36 -1.04
CA PHE A 413 -8.48 -1.96 0.38
C PHE A 413 -9.69 -1.13 0.74
N LEU A 414 -10.54 -0.83 -0.24
CA LEU A 414 -11.70 0.01 0.01
C LEU A 414 -12.81 -0.79 0.67
N SER A 415 -13.28 -0.28 1.80
CA SER A 415 -14.36 -0.91 2.54
C SER A 415 -15.71 -0.25 2.27
N LEU A 416 -15.67 0.94 1.67
CA LEU A 416 -16.84 1.72 1.28
C LEU A 416 -16.84 1.90 -0.23
N HIS A 417 -17.94 2.42 -0.77
CA HIS A 417 -18.02 2.62 -2.23
C HIS A 417 -16.96 3.65 -2.69
N PRO A 418 -16.30 3.43 -3.84
CA PRO A 418 -15.33 4.41 -4.36
C PRO A 418 -15.80 5.88 -4.31
N THR A 419 -17.06 6.13 -4.65
CA THR A 419 -17.56 7.50 -4.64
C THR A 419 -17.46 8.17 -3.25
N GLN A 420 -17.49 7.39 -2.17
CA GLN A 420 -17.35 7.95 -0.81
C GLN A 420 -15.94 8.50 -0.59
N TYR A 421 -14.95 7.79 -1.15
CA TYR A 421 -13.56 8.26 -1.03
C TYR A 421 -13.31 9.48 -1.89
N ALA A 422 -13.88 9.47 -3.10
CA ALA A 422 -13.81 10.62 -4.02
C ALA A 422 -14.41 11.87 -3.39
N GLU A 423 -15.59 11.75 -2.82
CA GLU A 423 -16.27 12.92 -2.26
C GLU A 423 -15.45 13.61 -1.18
N VAL A 424 -14.90 12.84 -0.24
CA VAL A 424 -14.16 13.43 0.87
C VAL A 424 -12.79 13.94 0.45
N LEU A 425 -12.17 13.27 -0.53
CA LEU A 425 -10.91 13.77 -1.06
C LEU A 425 -11.14 15.12 -1.73
N VAL A 426 -12.17 15.21 -2.58
CA VAL A 426 -12.51 16.46 -3.25
C VAL A 426 -12.77 17.59 -2.25
N LYS A 427 -13.53 17.30 -1.19
CA LYS A 427 -13.80 18.28 -0.13
C LYS A 427 -12.50 18.80 0.48
N ARG A 428 -11.59 17.88 0.84
CA ARG A 428 -10.32 18.28 1.43
C ARG A 428 -9.45 19.07 0.45
N MET A 429 -9.42 18.62 -0.81
CA MET A 429 -8.63 19.31 -1.83
C MET A 429 -9.13 20.73 -2.08
N GLN A 430 -10.46 20.88 -2.18
CA GLN A 430 -11.07 22.19 -2.45
C GLN A 430 -10.75 23.19 -1.33
N ALA A 431 -10.87 22.73 -0.09
CA ALA A 431 -10.59 23.59 1.08
C ALA A 431 -9.15 24.09 1.09
N ALA A 432 -8.25 23.24 0.58
CA ALA A 432 -6.82 23.51 0.59
C ALA A 432 -6.32 24.25 -0.66
N GLY A 433 -7.16 24.36 -1.67
CA GLY A 433 -6.73 24.90 -2.95
C GLY A 433 -5.71 23.99 -3.63
N ALA A 434 -5.84 22.69 -3.39
CA ALA A 434 -4.88 21.73 -3.95
C ALA A 434 -4.98 21.62 -5.46
N GLN A 435 -3.85 21.32 -6.08
CA GLN A 435 -3.74 21.09 -7.52
C GLN A 435 -3.29 19.66 -7.75
N ALA A 436 -3.81 19.03 -8.81
CA ALA A 436 -3.51 17.64 -9.10
C ALA A 436 -2.76 17.45 -10.42
N TYR A 437 -1.94 16.40 -10.43
CA TYR A 437 -1.01 16.09 -11.53
C TYR A 437 -1.06 14.61 -11.80
N LEU A 438 -0.87 14.24 -13.06
CA LEU A 438 -0.75 12.84 -13.44
C LEU A 438 0.69 12.60 -13.92
N VAL A 439 1.35 11.61 -13.33
CA VAL A 439 2.74 11.29 -13.65
C VAL A 439 2.87 9.85 -14.13
N ASN A 440 3.36 9.68 -15.35
CA ASN A 440 3.66 8.35 -15.87
C ASN A 440 5.09 7.96 -15.51
N THR A 441 5.21 7.10 -14.50
CA THR A 441 6.52 6.57 -14.11
C THR A 441 6.84 5.30 -14.88
N GLY A 442 6.03 5.00 -15.90
CA GLY A 442 6.14 3.76 -16.65
C GLY A 442 6.84 3.98 -17.98
N TRP A 443 6.22 3.46 -19.04
CA TRP A 443 6.88 3.30 -20.33
C TRP A 443 6.53 4.39 -21.35
N ASN A 444 7.42 4.55 -22.32
CA ASN A 444 7.12 5.37 -23.49
C ASN A 444 7.44 4.56 -24.76
N GLY A 445 7.57 5.24 -25.90
CA GLY A 445 7.74 4.55 -27.18
C GLY A 445 9.07 3.83 -27.31
N THR A 446 9.99 4.07 -26.36
CA THR A 446 11.27 3.35 -26.36
C THR A 446 11.15 1.90 -25.90
N GLY A 447 10.01 1.53 -25.32
CA GLY A 447 9.83 0.20 -24.74
C GLY A 447 10.64 -0.01 -23.47
N LYS A 448 11.10 1.09 -22.93
CA LYS A 448 11.81 1.15 -21.66
C LYS A 448 11.11 2.10 -20.68
N ARG A 449 11.31 1.89 -19.43
CA ARG A 449 10.73 2.75 -18.44
C ARG A 449 11.47 4.08 -18.35
N ILE A 450 10.71 5.14 -18.09
CA ILE A 450 11.29 6.47 -17.86
C ILE A 450 12.25 6.36 -16.68
N SER A 451 13.41 7.03 -16.76
CA SER A 451 14.42 6.89 -15.72
C SER A 451 13.97 7.49 -14.38
N ILE A 452 14.43 6.89 -13.29
CA ILE A 452 14.17 7.44 -11.95
C ILE A 452 14.69 8.89 -11.87
N LYS A 453 15.85 9.15 -12.47
CA LYS A 453 16.39 10.53 -12.55
C LYS A 453 15.43 11.57 -13.15
N ASP A 454 14.84 11.23 -14.31
CA ASP A 454 13.88 12.09 -14.97
C ASP A 454 12.62 12.28 -14.12
N THR A 455 12.12 11.17 -13.55
CA THR A 455 10.93 11.24 -12.71
C THR A 455 11.15 12.09 -11.47
N ARG A 456 12.29 11.95 -10.80
CA ARG A 456 12.56 12.79 -9.63
C ARG A 456 12.59 14.28 -10.02
N ALA A 457 13.20 14.57 -11.17
CA ALA A 457 13.25 15.95 -11.66
C ALA A 457 11.85 16.49 -11.98
N ILE A 458 11.00 15.63 -12.52
CA ILE A 458 9.61 15.98 -12.76
C ILE A 458 8.90 16.29 -11.43
N ILE A 459 9.10 15.44 -10.41
CA ILE A 459 8.46 15.69 -9.11
C ILE A 459 8.97 17.01 -8.52
N ASP A 460 10.27 17.27 -8.62
CA ASP A 460 10.85 18.55 -8.16
C ASP A 460 10.10 19.73 -8.81
N ALA A 461 9.91 19.63 -10.12
CA ALA A 461 9.26 20.70 -10.89
C ALA A 461 7.79 20.90 -10.50
N ILE A 462 7.11 19.80 -10.16
CA ILE A 462 5.75 19.90 -9.64
C ILE A 462 5.75 20.65 -8.30
N LEU A 463 6.63 20.25 -7.39
CA LEU A 463 6.59 20.77 -6.01
C LEU A 463 7.05 22.22 -5.89
N ASN A 464 8.01 22.62 -6.71
CA ASN A 464 8.57 23.98 -6.63
C ASN A 464 7.87 25.02 -7.50
N GLY A 465 6.85 24.60 -8.25
CA GLY A 465 6.04 25.52 -9.03
C GLY A 465 6.49 25.76 -10.45
N SER A 466 7.59 25.10 -10.85
CA SER A 466 8.13 25.19 -12.20
C SER A 466 7.13 24.70 -13.24
N LEU A 467 6.46 23.58 -12.95
CA LEU A 467 5.48 23.05 -13.89
C LEU A 467 4.28 24.00 -14.04
N ASP A 468 3.77 24.49 -12.91
CA ASP A 468 2.66 25.45 -12.90
C ASP A 468 2.95 26.71 -13.73
N ASN A 469 4.24 27.06 -13.85
CA ASN A 469 4.65 28.26 -14.58
C ASN A 469 5.12 28.01 -16.01
N ALA A 470 5.21 26.73 -16.39
CA ALA A 470 5.68 26.35 -17.72
C ALA A 470 4.67 26.69 -18.81
N GLU A 471 5.17 26.94 -20.02
CA GLU A 471 4.30 26.99 -21.20
C GLU A 471 3.78 25.58 -21.43
N THR A 472 2.46 25.45 -21.56
CA THR A 472 1.84 24.15 -21.81
C THR A 472 1.01 24.13 -23.08
N PHE A 473 0.84 22.94 -23.63
CA PHE A 473 -0.12 22.72 -24.71
C PHE A 473 -0.89 21.46 -24.39
N THR A 474 -1.94 21.20 -25.17
CA THR A 474 -2.82 20.07 -24.91
C THR A 474 -2.48 18.85 -25.76
N LEU A 475 -2.25 17.73 -25.10
CA LEU A 475 -2.04 16.47 -25.79
C LEU A 475 -3.39 15.97 -26.28
N PRO A 476 -3.49 15.62 -27.57
CA PRO A 476 -4.80 15.17 -28.06
C PRO A 476 -5.27 13.86 -27.42
N MET A 477 -6.56 13.57 -27.59
CA MET A 477 -7.22 12.32 -27.15
C MET A 477 -7.46 12.28 -25.64
N PHE A 478 -6.39 12.38 -24.85
CA PHE A 478 -6.53 12.45 -23.40
C PHE A 478 -6.70 13.89 -22.89
N ASN A 479 -6.44 14.84 -23.78
CA ASN A 479 -6.65 16.28 -23.50
C ASN A 479 -5.92 16.76 -22.24
N LEU A 480 -4.66 16.35 -22.16
CA LEU A 480 -3.83 16.61 -20.99
C LEU A 480 -2.88 17.76 -21.23
N ALA A 481 -2.87 18.71 -20.29
CA ALA A 481 -1.97 19.87 -20.37
C ALA A 481 -0.55 19.44 -20.03
N ILE A 482 0.36 19.58 -21.00
CA ILE A 482 1.76 19.15 -20.84
C ILE A 482 2.77 20.27 -21.13
N PRO A 483 3.92 20.27 -20.43
CA PRO A 483 4.88 21.35 -20.64
C PRO A 483 5.79 21.14 -21.85
N THR A 484 6.29 22.24 -22.41
CA THR A 484 7.26 22.16 -23.51
C THR A 484 8.65 21.81 -23.02
N GLU A 485 8.97 22.27 -21.81
CA GLU A 485 10.27 22.04 -21.17
C GLU A 485 10.14 22.18 -19.64
N LEU A 486 11.05 21.54 -18.92
CA LEU A 486 11.16 21.65 -17.46
C LEU A 486 12.63 21.56 -17.05
N PRO A 487 13.05 22.35 -16.04
CA PRO A 487 14.44 22.26 -15.54
C PRO A 487 14.87 20.86 -15.10
N GLY A 488 16.01 20.40 -15.60
CA GLY A 488 16.59 19.11 -15.20
C GLY A 488 15.92 17.89 -15.81
N VAL A 489 14.95 18.13 -16.69
CA VAL A 489 14.24 17.04 -17.37
C VAL A 489 14.64 16.97 -18.84
N ASP A 490 14.83 15.76 -19.34
CA ASP A 490 15.01 15.53 -20.77
C ASP A 490 13.77 16.10 -21.49
N THR A 491 13.99 17.08 -22.35
CA THR A 491 12.88 17.74 -23.07
C THR A 491 12.14 16.76 -23.99
N LYS A 492 12.90 15.87 -24.64
CA LYS A 492 12.35 14.92 -25.60
C LYS A 492 11.21 14.07 -25.05
N ILE A 493 11.30 13.70 -23.78
CA ILE A 493 10.34 12.76 -23.20
C ILE A 493 8.99 13.39 -22.85
N LEU A 494 8.93 14.72 -22.77
CA LEU A 494 7.72 15.37 -22.25
C LEU A 494 6.49 15.17 -23.14
N ASP A 495 6.72 15.05 -24.44
CA ASP A 495 5.64 14.71 -25.37
C ASP A 495 5.79 13.23 -25.71
N PRO A 496 4.81 12.42 -25.29
CA PRO A 496 4.90 10.97 -25.44
C PRO A 496 4.96 10.54 -26.91
N ARG A 497 4.58 11.45 -27.81
CA ARG A 497 4.66 11.14 -29.23
C ARG A 497 6.10 11.09 -29.73
N ASN A 498 7.01 11.78 -29.04
CA ASN A 498 8.40 11.90 -29.50
C ASN A 498 9.22 10.60 -29.53
N THR A 499 8.80 9.60 -28.75
CA THR A 499 9.52 8.32 -28.66
C THR A 499 8.99 7.24 -29.62
N TYR A 500 8.12 7.65 -30.52
CA TYR A 500 7.63 6.78 -31.59
C TYR A 500 8.15 7.27 -32.93
N ALA A 501 8.06 6.42 -33.96
CA ALA A 501 8.50 6.76 -35.31
C ALA A 501 7.75 7.98 -35.84
N SER A 502 6.49 8.10 -35.44
CA SER A 502 5.64 9.22 -35.85
C SER A 502 4.54 9.39 -34.81
N PRO A 503 3.90 10.57 -34.76
CA PRO A 503 2.71 10.72 -33.92
C PRO A 503 1.59 9.71 -34.24
N GLU A 504 1.50 9.28 -35.50
CA GLU A 504 0.47 8.33 -35.91
C GLU A 504 0.64 6.97 -35.22
N GLN A 505 1.89 6.57 -35.01
CA GLN A 505 2.17 5.33 -34.29
C GLN A 505 1.85 5.44 -32.78
N TRP A 506 2.18 6.58 -32.17
CA TRP A 506 1.66 6.86 -30.82
C TRP A 506 0.11 6.80 -30.79
N GLN A 507 -0.53 7.41 -31.78
CA GLN A 507 -2.00 7.47 -31.79
C GLN A 507 -2.70 6.10 -31.84
N GLU A 508 -2.10 5.15 -32.55
CA GLU A 508 -2.63 3.79 -32.57
C GLU A 508 -2.74 3.23 -31.15
N LYS A 509 -1.67 3.40 -30.38
CA LYS A 509 -1.63 2.94 -28.99
C LYS A 509 -2.58 3.76 -28.11
N ALA A 510 -2.63 5.06 -28.36
CA ALA A 510 -3.52 5.95 -27.60
C ALA A 510 -4.99 5.60 -27.79
N GLU A 511 -5.38 5.23 -29.00
CA GLU A 511 -6.76 4.78 -29.25
C GLU A 511 -7.11 3.49 -28.51
N THR A 512 -6.19 2.53 -28.50
CA THR A 512 -6.36 1.30 -27.73
C THR A 512 -6.60 1.62 -26.25
N LEU A 513 -5.69 2.41 -25.69
CA LEU A 513 -5.79 2.78 -24.27
C LEU A 513 -7.05 3.61 -23.95
N ALA A 514 -7.37 4.56 -24.82
CA ALA A 514 -8.58 5.37 -24.62
C ALA A 514 -9.82 4.49 -24.53
N LYS A 515 -9.92 3.50 -25.42
CA LYS A 515 -11.07 2.59 -25.40
C LYS A 515 -11.17 1.80 -24.09
N LEU A 516 -10.02 1.42 -23.54
CA LEU A 516 -9.98 0.72 -22.25
C LEU A 516 -10.52 1.61 -21.13
N PHE A 517 -10.09 2.88 -21.11
CA PHE A 517 -10.57 3.83 -20.11
C PHE A 517 -12.09 4.04 -20.21
N ILE A 518 -12.56 4.21 -21.45
CA ILE A 518 -13.96 4.53 -21.70
C ILE A 518 -14.86 3.38 -21.25
N ASP A 519 -14.44 2.17 -21.59
CA ASP A 519 -15.19 0.97 -21.21
C ASP A 519 -15.18 0.77 -19.70
N ASN A 520 -14.02 0.98 -19.07
CA ASN A 520 -13.96 0.90 -17.62
C ASN A 520 -14.85 1.91 -16.94
N PHE A 521 -14.88 3.15 -17.44
CA PHE A 521 -15.59 4.22 -16.73
C PHE A 521 -17.10 4.11 -16.84
N ASP A 522 -17.57 3.37 -17.84
CA ASP A 522 -19.00 3.25 -18.09
C ASP A 522 -19.78 2.87 -16.82
N LYS A 523 -19.19 2.04 -15.97
CA LYS A 523 -19.87 1.63 -14.73
C LYS A 523 -20.14 2.74 -13.72
N TYR A 524 -19.46 3.88 -13.86
CA TYR A 524 -19.70 5.04 -12.98
C TYR A 524 -20.73 6.01 -13.57
N THR A 525 -21.25 5.70 -14.75
CA THR A 525 -22.16 6.63 -15.46
C THR A 525 -23.63 6.43 -15.11
N ASP A 526 -23.91 5.58 -14.13
CA ASP A 526 -25.29 5.31 -13.70
C ASP A 526 -25.82 6.38 -12.75
N THR A 527 -24.96 7.34 -12.40
CA THR A 527 -25.34 8.54 -11.66
C THR A 527 -25.11 9.77 -12.56
N PRO A 528 -25.86 10.87 -12.32
CA PRO A 528 -25.63 12.10 -13.10
C PRO A 528 -24.21 12.69 -12.98
N ALA A 529 -23.64 12.68 -11.77
CA ALA A 529 -22.29 13.18 -11.52
C ALA A 529 -21.26 12.41 -12.33
N GLY A 530 -21.40 11.08 -12.32
CA GLY A 530 -20.54 10.17 -13.09
C GLY A 530 -20.67 10.38 -14.57
N ALA A 531 -21.91 10.39 -15.07
CA ALA A 531 -22.19 10.64 -16.49
C ALA A 531 -21.54 11.94 -16.98
N ALA A 532 -21.54 12.96 -16.13
CA ALA A 532 -20.96 14.26 -16.43
C ALA A 532 -19.41 14.25 -16.53
N LEU A 533 -18.76 13.27 -15.92
CA LEU A 533 -17.30 13.17 -15.99
C LEU A 533 -16.75 12.54 -17.26
N VAL A 534 -17.61 11.82 -18.01
CA VAL A 534 -17.19 11.22 -19.28
C VAL A 534 -16.47 12.24 -20.19
N ALA A 535 -16.97 13.47 -20.21
CA ALA A 535 -16.38 14.57 -20.97
C ALA A 535 -14.92 14.88 -20.59
N ALA A 536 -14.55 14.59 -19.34
CA ALA A 536 -13.19 14.81 -18.84
C ALA A 536 -12.25 13.66 -19.17
N GLY A 537 -12.83 12.53 -19.57
CA GLY A 537 -12.05 11.35 -19.96
C GLY A 537 -11.47 11.44 -21.36
N PRO A 538 -10.69 10.43 -21.79
CA PRO A 538 -10.22 10.46 -23.16
C PRO A 538 -11.37 10.38 -24.15
N LYS A 539 -11.21 11.01 -25.31
CA LYS A 539 -12.27 11.04 -26.32
C LYS A 539 -11.67 10.62 -27.65
N LEU A 540 -12.29 9.63 -28.30
CA LEU A 540 -11.88 9.20 -29.64
C LEU A 540 -12.26 10.26 -30.69
#